data_4AXO
#
_entry.id   4AXO
#
_cell.length_a   82.332
_cell.length_b   66.578
_cell.length_c   58.950
_cell.angle_alpha   90.00
_cell.angle_beta   117.54
_cell.angle_gamma   90.00
#
_symmetry.space_group_name_H-M   'C 1 2 1'
#
loop_
_entity.id
_entity.type
_entity.pdbx_description
1 polymer 'ETHANOLAMINE UTILIZATION PROTEIN'
2 non-polymer 'MAGNESIUM ION'
3 water water
#
_entity_poly.entity_id   1
_entity_poly.type   'polypeptide(L)'
_entity_poly.pdbx_seq_one_letter_code
;MGQIIEEKISGTKDTVDFVRNKDISGITSIKLPTVKVSESDRLDTGNPSDVVYTKDLFTLEESPRLGCGMMEMKETTFDW
TLNYDEIDYVIDGTLDIIIDGRKVSASSGELIFIPKGSKIQFSVPDYARFIYVTYPADWASQNLEHHHHHH
;
_entity_poly.pdbx_strand_id   A,B
#
loop_
_chem_comp.id
_chem_comp.type
_chem_comp.name
_chem_comp.formula
MG non-polymer 'MAGNESIUM ION' 'Mg 2'
#
# COMPACT_ATOMS: atom_id res chain seq x y z
N ASP A 14 -1.84 24.45 -4.34
CA ASP A 14 -1.07 23.25 -4.67
C ASP A 14 -1.19 22.99 -6.17
N THR A 15 -0.26 22.21 -6.71
CA THR A 15 -0.24 21.93 -8.14
C THR A 15 -0.87 20.60 -8.49
N VAL A 16 -1.54 19.96 -7.53
CA VAL A 16 -2.31 18.74 -7.80
C VAL A 16 -3.79 19.00 -7.57
N ASP A 17 -4.64 18.10 -8.08
CA ASP A 17 -6.07 18.26 -8.04
C ASP A 17 -6.74 17.44 -6.93
N PHE A 18 -5.96 17.04 -5.94
CA PHE A 18 -6.48 16.37 -4.76
C PHE A 18 -5.87 17.07 -3.55
N VAL A 19 -6.36 16.73 -2.37
CA VAL A 19 -5.91 17.34 -1.12
C VAL A 19 -4.82 16.51 -0.48
N ARG A 20 -3.65 17.15 -0.26
CA ARG A 20 -2.53 16.52 0.40
C ARG A 20 -1.86 17.54 1.29
N ASN A 21 -1.04 17.04 2.22
CA ASN A 21 -0.09 17.84 2.97
C ASN A 21 1.29 17.29 2.66
N LYS A 22 1.99 17.94 1.74
CA LYS A 22 3.35 17.58 1.36
C LYS A 22 4.31 18.41 2.23
N ASP A 23 4.89 17.77 3.23
CA ASP A 23 5.79 18.44 4.14
C ASP A 23 7.08 18.80 3.45
N ILE A 24 7.81 19.77 4.00
CA ILE A 24 9.16 20.13 3.60
C ILE A 24 10.06 18.91 3.43
N SER A 25 9.93 17.94 4.30
CA SER A 25 10.76 16.73 4.26
C SER A 25 10.41 15.73 3.17
N GLY A 26 9.29 15.91 2.47
CA GLY A 26 8.78 14.93 1.54
C GLY A 26 7.74 13.99 2.11
N ILE A 27 7.67 13.88 3.43
CA ILE A 27 6.61 13.10 4.05
C ILE A 27 5.28 13.76 3.67
N THR A 28 4.32 12.94 3.21
CA THR A 28 3.09 13.46 2.64
C THR A 28 1.90 12.69 3.14
N SER A 29 0.83 13.38 3.55
CA SER A 29 -0.46 12.76 3.76
C SER A 29 -1.36 13.09 2.58
N ILE A 30 -2.25 12.17 2.23
CA ILE A 30 -3.22 12.37 1.18
C ILE A 30 -4.61 12.01 1.68
N LYS A 31 -5.57 12.94 1.51
CA LYS A 31 -6.98 12.67 1.78
C LYS A 31 -7.54 11.91 0.58
N LEU A 32 -7.43 10.61 0.61
CA LEU A 32 -7.73 9.78 -0.55
C LEU A 32 -9.14 9.98 -1.13
N PRO A 33 -10.18 10.25 -0.33
CA PRO A 33 -11.49 10.46 -0.98
C PRO A 33 -11.50 11.63 -1.97
N THR A 34 -10.58 12.58 -1.82
CA THR A 34 -10.50 13.72 -2.74
C THR A 34 -9.77 13.40 -4.05
N VAL A 35 -9.21 12.21 -4.17
CA VAL A 35 -8.56 11.75 -5.38
C VAL A 35 -9.64 11.25 -6.33
N LYS A 36 -9.80 11.99 -7.44
CA LYS A 36 -10.79 11.71 -8.49
C LYS A 36 -10.09 11.47 -9.81
N VAL A 37 -10.41 10.38 -10.49
CA VAL A 37 -9.84 10.11 -11.78
C VAL A 37 -10.55 10.94 -12.84
N SER A 38 -9.84 11.20 -13.94
CA SER A 38 -10.42 11.91 -15.06
C SER A 38 -9.90 11.28 -16.34
N GLU A 39 -10.34 11.80 -17.48
CA GLU A 39 -9.96 11.18 -18.75
C GLU A 39 -8.45 11.24 -19.01
N SER A 40 -7.74 12.22 -18.43
CA SER A 40 -6.28 12.21 -18.58
C SER A 40 -5.62 10.98 -17.95
N ASP A 41 -6.36 10.29 -17.07
CA ASP A 41 -5.86 9.08 -16.42
C ASP A 41 -6.27 7.79 -17.14
N ARG A 42 -6.96 7.88 -18.27
CA ARG A 42 -7.43 6.68 -18.97
CA ARG A 42 -7.42 6.70 -18.97
C ARG A 42 -6.24 5.85 -19.46
N LEU A 43 -6.21 4.56 -19.15
N LEU A 43 -6.33 4.58 -19.08
CA LEU A 43 -5.12 3.68 -19.58
CA LEU A 43 -5.56 3.51 -19.67
C LEU A 43 -5.48 3.07 -20.94
C LEU A 43 -6.36 2.95 -20.83
N ASP A 44 -4.57 3.11 -21.91
N ASP A 44 -5.82 3.15 -22.02
CA ASP A 44 -4.89 2.52 -23.21
CA ASP A 44 -6.34 2.46 -23.18
C ASP A 44 -4.61 1.02 -23.14
C ASP A 44 -6.03 0.97 -23.04
N THR A 45 -5.66 0.24 -23.14
N THR A 45 -7.05 0.13 -23.09
CA THR A 45 -5.51 -1.20 -23.15
CA THR A 45 -6.87 -1.31 -22.99
C THR A 45 -5.38 -1.78 -24.57
C THR A 45 -6.89 -2.00 -24.35
N GLY A 46 -5.58 -0.91 -25.57
N GLY A 46 -7.31 -1.28 -25.39
CA GLY A 46 -5.72 -1.31 -26.95
CA GLY A 46 -7.47 -1.88 -26.71
C GLY A 46 -7.12 -1.53 -27.41
C GLY A 46 -8.94 -2.11 -27.04
N ASN A 47 -8.03 -1.67 -26.46
N ASN A 47 -9.74 -2.32 -26.01
CA ASN A 47 -9.44 -1.84 -26.77
CA ASN A 47 -11.18 -2.32 -26.16
C ASN A 47 -10.16 -0.63 -26.22
C ASN A 47 -11.70 -0.96 -25.69
N PRO A 48 -10.68 0.22 -27.11
N PRO A 48 -11.99 -0.06 -26.63
CA PRO A 48 -11.24 1.51 -26.71
CA PRO A 48 -12.28 1.32 -26.22
C PRO A 48 -12.47 1.41 -25.81
C PRO A 48 -13.58 1.43 -25.43
N SER A 49 -13.15 0.26 -25.80
N SER A 49 -14.27 0.30 -25.30
CA SER A 49 -14.33 0.08 -24.95
CA SER A 49 -15.48 0.20 -24.49
C SER A 49 -13.94 -0.21 -23.48
C SER A 49 -15.11 -0.09 -23.03
N ASP A 50 -12.68 -0.56 -23.22
N ASP A 50 -13.88 -0.57 -22.83
CA ASP A 50 -12.26 -0.79 -21.81
CA ASP A 50 -13.34 -0.73 -21.50
C ASP A 50 -12.22 0.53 -21.05
C ASP A 50 -13.02 0.59 -20.96
N VAL A 51 -12.61 0.48 -19.76
CA VAL A 51 -12.69 1.66 -18.92
C VAL A 51 -11.90 1.48 -17.65
N VAL A 52 -10.69 1.94 -17.80
CA VAL A 52 -9.66 1.75 -16.82
C VAL A 52 -8.97 3.11 -16.62
N TYR A 53 -8.77 3.50 -15.36
CA TYR A 53 -8.05 4.74 -15.04
C TYR A 53 -6.90 4.43 -14.09
N THR A 54 -5.73 5.01 -14.34
CA THR A 54 -4.59 4.94 -13.43
C THR A 54 -4.07 6.36 -13.22
N LYS A 55 -4.05 6.80 -11.97
CA LYS A 55 -3.64 8.15 -11.62
C LYS A 55 -2.51 8.07 -10.59
N ASP A 56 -1.29 8.30 -11.05
CA ASP A 56 -0.13 8.33 -10.19
CA ASP A 56 -0.17 8.34 -10.14
C ASP A 56 -0.31 9.50 -9.19
N LEU A 57 -0.01 9.26 -7.90
CA LEU A 57 -0.14 10.26 -6.85
C LEU A 57 1.17 10.91 -6.45
N PHE A 58 2.30 10.41 -6.98
CA PHE A 58 3.65 10.91 -6.67
C PHE A 58 4.44 11.01 -7.94
N THR A 59 5.18 12.12 -8.11
CA THR A 59 6.19 12.21 -9.15
C THR A 59 7.37 11.34 -8.76
N LEU A 60 8.26 11.09 -9.71
CA LEU A 60 9.47 10.34 -9.42
C LEU A 60 10.34 11.11 -8.43
N GLU A 61 10.36 12.42 -8.55
CA GLU A 61 11.13 13.23 -7.61
C GLU A 61 10.57 13.08 -6.19
N GLU A 62 9.25 13.06 -6.08
CA GLU A 62 8.60 12.91 -4.78
C GLU A 62 8.84 11.53 -4.16
N SER A 63 8.77 10.48 -4.99
CA SER A 63 8.96 9.12 -4.51
C SER A 63 9.76 8.32 -5.54
N PRO A 64 11.08 8.30 -5.39
CA PRO A 64 11.90 7.72 -6.44
C PRO A 64 11.88 6.19 -6.54
N ARG A 65 11.51 5.48 -5.47
CA ARG A 65 11.56 4.03 -5.40
C ARG A 65 10.18 3.37 -5.44
N LEU A 66 9.31 3.76 -4.52
CA LEU A 66 7.94 3.25 -4.47
C LEU A 66 7.05 4.06 -5.42
N GLY A 67 6.31 3.37 -6.26
CA GLY A 67 5.25 4.01 -7.00
C GLY A 67 3.96 3.92 -6.19
N CYS A 68 3.09 4.90 -6.34
CA CYS A 68 1.77 4.81 -5.71
C CYS A 68 0.75 5.61 -6.46
N GLY A 69 -0.37 5.01 -6.75
CA GLY A 69 -1.44 5.70 -7.43
C GLY A 69 -2.79 5.09 -7.12
N MET A 70 -3.81 5.67 -7.75
CA MET A 70 -5.18 5.24 -7.63
C MET A 70 -5.62 4.61 -8.97
N MET A 71 -6.26 3.45 -8.91
CA MET A 71 -6.80 2.77 -10.08
C MET A 71 -8.29 2.60 -9.89
N GLU A 72 -9.04 2.81 -10.99
CA GLU A 72 -10.47 2.56 -11.00
C GLU A 72 -10.82 1.83 -12.27
N MET A 73 -11.77 0.89 -12.16
CA MET A 73 -12.26 0.16 -13.33
C MET A 73 -13.75 -0.03 -13.23
N LYS A 74 -14.42 -0.06 -14.37
CA LYS A 74 -15.87 -0.30 -14.42
C LYS A 74 -16.15 -1.31 -15.55
N GLU A 75 -16.75 -2.44 -15.15
CA GLU A 75 -17.26 -3.44 -16.09
C GLU A 75 -16.24 -3.75 -17.20
N THR A 76 -15.02 -4.10 -16.77
CA THR A 76 -13.88 -4.30 -17.68
C THR A 76 -13.00 -5.43 -17.21
N THR A 77 -12.54 -6.24 -18.15
CA THR A 77 -11.47 -7.20 -17.94
C THR A 77 -10.45 -6.98 -19.05
N PHE A 78 -9.17 -6.86 -18.67
CA PHE A 78 -8.12 -6.70 -19.66
C PHE A 78 -6.83 -7.38 -19.25
N ASP A 79 -6.06 -7.77 -20.25
CA ASP A 79 -4.78 -8.39 -20.07
CA ASP A 79 -4.76 -8.40 -20.07
C ASP A 79 -3.66 -7.39 -19.83
N TRP A 80 -2.77 -7.70 -18.89
CA TRP A 80 -1.62 -6.86 -18.62
CA TRP A 80 -1.61 -6.85 -18.65
C TRP A 80 -0.52 -7.71 -18.01
N THR A 81 0.73 -7.39 -18.38
CA THR A 81 1.86 -8.02 -17.73
C THR A 81 2.59 -6.99 -16.90
N LEU A 82 2.86 -7.31 -15.63
CA LEU A 82 3.50 -6.36 -14.71
C LEU A 82 5.03 -6.46 -14.80
N ASN A 83 5.67 -5.28 -14.92
CA ASN A 83 7.10 -5.12 -14.90
C ASN A 83 7.64 -4.76 -13.49
N TYR A 84 6.82 -4.92 -12.46
CA TYR A 84 7.10 -4.45 -11.12
C TYR A 84 6.27 -5.31 -10.19
N ASP A 85 6.66 -5.32 -8.93
CA ASP A 85 5.84 -5.88 -7.86
C ASP A 85 4.75 -4.87 -7.48
N GLU A 86 3.58 -5.38 -7.06
CA GLU A 86 2.45 -4.53 -6.77
CA GLU A 86 2.45 -4.52 -6.77
C GLU A 86 1.68 -5.03 -5.56
N ILE A 87 1.27 -4.09 -4.71
CA ILE A 87 0.27 -4.30 -3.66
CA ILE A 87 0.26 -4.34 -3.70
C ILE A 87 -0.92 -3.43 -3.99
N ASP A 88 -2.10 -4.02 -4.08
CA ASP A 88 -3.35 -3.32 -4.30
C ASP A 88 -4.20 -3.37 -3.05
N TYR A 89 -4.59 -2.22 -2.51
CA TYR A 89 -5.49 -2.13 -1.37
C TYR A 89 -6.84 -1.67 -1.92
N VAL A 90 -7.85 -2.55 -1.84
CA VAL A 90 -9.15 -2.27 -2.42
C VAL A 90 -9.96 -1.38 -1.47
N ILE A 91 -10.25 -0.17 -1.92
CA ILE A 91 -11.03 0.77 -1.13
C ILE A 91 -12.53 0.50 -1.26
N ASP A 92 -12.97 0.26 -2.49
CA ASP A 92 -14.38 0.04 -2.76
C ASP A 92 -14.52 -0.94 -3.92
N GLY A 93 -15.55 -1.77 -3.86
CA GLY A 93 -15.84 -2.70 -4.94
C GLY A 93 -15.10 -4.00 -4.82
N THR A 94 -14.92 -4.66 -5.96
CA THR A 94 -14.32 -5.99 -6.02
C THR A 94 -13.38 -6.08 -7.21
N LEU A 95 -12.15 -6.49 -6.92
CA LEU A 95 -11.13 -6.71 -7.93
C LEU A 95 -10.81 -8.18 -8.02
N ASP A 96 -10.91 -8.74 -9.21
CA ASP A 96 -10.46 -10.10 -9.48
C ASP A 96 -9.18 -10.03 -10.31
N ILE A 97 -8.23 -10.90 -10.00
CA ILE A 97 -7.00 -11.05 -10.76
C ILE A 97 -7.02 -12.47 -11.32
N ILE A 98 -6.94 -12.60 -12.63
CA ILE A 98 -6.93 -13.92 -13.29
CA ILE A 98 -6.94 -13.91 -13.28
C ILE A 98 -5.52 -14.22 -13.72
N ILE A 99 -5.01 -15.37 -13.26
CA ILE A 99 -3.65 -15.79 -13.50
C ILE A 99 -3.70 -17.27 -13.87
N ASP A 100 -3.21 -17.62 -15.05
CA ASP A 100 -3.08 -19.04 -15.43
C ASP A 100 -4.39 -19.83 -15.18
N GLY A 101 -5.49 -19.20 -15.51
CA GLY A 101 -6.79 -19.82 -15.41
C GLY A 101 -7.37 -19.90 -14.00
N ARG A 102 -6.75 -19.24 -13.04
CA ARG A 102 -7.16 -19.22 -11.63
C ARG A 102 -7.50 -17.78 -11.25
N LYS A 103 -8.33 -17.63 -10.23
CA LYS A 103 -8.80 -16.32 -9.81
C LYS A 103 -8.41 -16.03 -8.36
N VAL A 104 -7.88 -14.84 -8.13
CA VAL A 104 -7.58 -14.30 -6.81
C VAL A 104 -8.40 -13.01 -6.70
N SER A 105 -9.14 -12.82 -5.61
CA SER A 105 -10.09 -11.73 -5.48
CA SER A 105 -10.06 -11.71 -5.51
C SER A 105 -9.94 -10.98 -4.18
N ALA A 106 -10.24 -9.68 -4.22
CA ALA A 106 -10.28 -8.86 -3.02
C ALA A 106 -11.41 -7.85 -3.14
N SER A 107 -12.15 -7.67 -2.05
CA SER A 107 -13.20 -6.66 -1.99
CA SER A 107 -13.19 -6.66 -1.99
C SER A 107 -12.76 -5.56 -1.02
N SER A 108 -13.66 -4.62 -0.74
CA SER A 108 -13.33 -3.46 0.08
C SER A 108 -12.65 -3.88 1.36
N GLY A 109 -11.52 -3.24 1.66
CA GLY A 109 -10.79 -3.49 2.89
C GLY A 109 -9.81 -4.66 2.82
N GLU A 110 -9.64 -5.26 1.64
CA GLU A 110 -8.75 -6.38 1.44
C GLU A 110 -7.64 -5.99 0.48
N LEU A 111 -6.59 -6.83 0.42
CA LEU A 111 -5.44 -6.51 -0.44
C LEU A 111 -5.08 -7.68 -1.31
N ILE A 112 -4.36 -7.37 -2.38
CA ILE A 112 -3.74 -8.36 -3.28
C ILE A 112 -2.28 -7.97 -3.50
N PHE A 113 -1.40 -8.95 -3.45
CA PHE A 113 -0.02 -8.83 -3.84
C PHE A 113 0.16 -9.56 -5.20
N ILE A 114 0.85 -8.91 -6.12
CA ILE A 114 1.14 -9.44 -7.45
C ILE A 114 2.65 -9.32 -7.69
N PRO A 115 3.34 -10.45 -7.88
CA PRO A 115 4.78 -10.38 -8.14
C PRO A 115 5.11 -9.83 -9.51
N LYS A 116 6.28 -9.23 -9.61
CA LYS A 116 6.86 -8.82 -10.87
C LYS A 116 6.83 -9.98 -11.87
N GLY A 117 6.47 -9.64 -13.09
CA GLY A 117 6.47 -10.56 -14.22
C GLY A 117 5.14 -11.27 -14.46
N SER A 118 4.20 -11.13 -13.52
CA SER A 118 2.92 -11.82 -13.63
C SER A 118 2.16 -11.37 -14.86
N LYS A 119 1.68 -12.34 -15.61
CA LYS A 119 0.85 -12.12 -16.76
CA LYS A 119 0.82 -12.15 -16.77
C LYS A 119 -0.60 -12.37 -16.29
N ILE A 120 -1.37 -11.29 -16.19
CA ILE A 120 -2.67 -11.37 -15.53
C ILE A 120 -3.75 -10.78 -16.39
N GLN A 121 -4.97 -10.96 -15.94
CA GLN A 121 -6.07 -10.08 -16.30
C GLN A 121 -6.52 -9.36 -15.05
N PHE A 122 -6.64 -8.04 -15.13
CA PHE A 122 -7.39 -7.26 -14.15
C PHE A 122 -8.85 -7.42 -14.56
N SER A 123 -9.67 -7.98 -13.66
CA SER A 123 -11.04 -8.31 -14.01
C SER A 123 -12.01 -7.72 -12.99
N VAL A 124 -12.83 -6.79 -13.47
CA VAL A 124 -13.74 -6.05 -12.60
C VAL A 124 -15.12 -6.11 -13.25
N PRO A 125 -15.92 -7.13 -12.87
CA PRO A 125 -17.24 -7.28 -13.48
C PRO A 125 -18.16 -6.13 -13.18
N ASP A 126 -17.96 -5.45 -12.06
CA ASP A 126 -18.81 -4.36 -11.69
C ASP A 126 -18.00 -3.09 -11.55
N TYR A 127 -17.34 -2.87 -10.38
CA TYR A 127 -16.59 -1.66 -10.15
C TYR A 127 -15.54 -1.95 -9.10
N ALA A 128 -14.40 -1.27 -9.22
CA ALA A 128 -13.38 -1.32 -8.17
C ALA A 128 -12.60 -0.01 -8.17
N ARG A 129 -12.21 0.41 -6.96
CA ARG A 129 -11.35 1.56 -6.75
C ARG A 129 -10.30 1.07 -5.75
N PHE A 130 -9.02 1.21 -6.11
CA PHE A 130 -7.96 0.68 -5.28
C PHE A 130 -6.69 1.49 -5.40
N ILE A 131 -5.94 1.58 -4.32
CA ILE A 131 -4.59 2.08 -4.33
CA ILE A 131 -4.58 2.09 -4.42
C ILE A 131 -3.66 0.97 -4.84
N TYR A 132 -2.70 1.33 -5.67
CA TYR A 132 -1.60 0.44 -6.02
C TYR A 132 -0.31 1.04 -5.45
N VAL A 133 0.53 0.19 -4.91
CA VAL A 133 1.88 0.54 -4.48
C VAL A 133 2.81 -0.42 -5.22
N THR A 134 3.83 0.11 -5.88
CA THR A 134 4.68 -0.67 -6.74
C THR A 134 6.16 -0.47 -6.45
N TYR A 135 6.95 -1.44 -6.87
CA TYR A 135 8.39 -1.27 -6.92
C TYR A 135 8.92 -1.95 -8.17
N PRO A 136 9.73 -1.26 -8.99
CA PRO A 136 10.18 0.12 -8.84
C PRO A 136 9.20 1.10 -9.45
N ALA A 137 9.21 2.35 -8.99
CA ALA A 137 8.44 3.40 -9.59
C ALA A 137 8.91 3.67 -11.02
N ASP A 138 10.22 3.60 -11.25
CA ASP A 138 10.78 3.87 -12.55
C ASP A 138 11.39 2.61 -13.14
N TRP A 139 10.94 2.27 -14.33
CA TRP A 139 11.44 1.09 -15.02
C TRP A 139 12.98 1.08 -15.08
N THR B 15 1.55 -22.42 7.53
CA THR B 15 0.23 -21.94 7.91
C THR B 15 0.33 -20.56 8.57
N VAL B 16 -0.63 -19.70 8.28
CA VAL B 16 -0.70 -18.39 8.93
C VAL B 16 -2.00 -18.28 9.72
N ASP B 17 -2.12 -17.27 10.58
CA ASP B 17 -3.28 -17.13 11.46
C ASP B 17 -4.30 -16.09 10.96
N PHE B 18 -4.29 -15.82 9.67
CA PHE B 18 -5.25 -14.93 9.05
C PHE B 18 -5.72 -15.62 7.76
N VAL B 19 -6.78 -15.09 7.15
CA VAL B 19 -7.32 -15.67 5.93
C VAL B 19 -6.66 -15.03 4.70
N ARG B 20 -6.08 -15.88 3.86
CA ARG B 20 -5.44 -15.47 2.61
C ARG B 20 -5.72 -16.52 1.55
N ASN B 21 -5.54 -16.14 0.29
CA ASN B 21 -5.50 -17.06 -0.83
C ASN B 21 -4.16 -16.86 -1.53
N LYS B 22 -3.22 -17.74 -1.22
CA LYS B 22 -1.91 -17.69 -1.85
C LYS B 22 -1.91 -18.60 -3.05
N ASP B 23 -1.96 -18.01 -4.22
CA ASP B 23 -1.99 -18.76 -5.46
C ASP B 23 -0.64 -19.39 -5.78
N ILE B 24 -0.70 -20.45 -6.57
CA ILE B 24 0.49 -21.11 -7.08
C ILE B 24 1.50 -20.09 -7.65
N SER B 25 1.01 -19.05 -8.30
CA SER B 25 1.88 -18.03 -8.95
C SER B 25 2.56 -17.05 -7.99
N GLY B 26 2.18 -17.09 -6.72
CA GLY B 26 2.62 -16.10 -5.76
C GLY B 26 1.63 -14.96 -5.54
N ILE B 27 0.73 -14.74 -6.48
CA ILE B 27 -0.33 -13.75 -6.30
C ILE B 27 -1.15 -14.14 -5.08
N THR B 28 -1.38 -13.21 -4.16
CA THR B 28 -1.99 -13.51 -2.88
C THR B 28 -2.99 -12.46 -2.49
N SER B 29 -4.23 -12.87 -2.18
CA SER B 29 -5.17 -11.97 -1.54
C SER B 29 -5.14 -12.18 -0.03
N ILE B 30 -5.39 -11.13 0.71
CA ILE B 30 -5.51 -11.23 2.16
C ILE B 30 -6.79 -10.52 2.64
N LYS B 31 -7.60 -11.24 3.41
CA LYS B 31 -8.76 -10.64 4.06
CA LYS B 31 -8.77 -10.65 4.06
C LYS B 31 -8.29 -9.89 5.30
N LEU B 32 -7.92 -8.64 5.11
CA LEU B 32 -7.24 -7.89 6.17
C LEU B 32 -7.99 -7.81 7.51
N PRO B 33 -9.33 -7.76 7.53
CA PRO B 33 -9.97 -7.74 8.86
C PRO B 33 -9.68 -8.96 9.73
N THR B 34 -9.26 -10.07 9.11
CA THR B 34 -8.89 -11.28 9.84
C THR B 34 -7.46 -11.27 10.37
N VAL B 35 -6.71 -10.23 10.02
CA VAL B 35 -5.37 -10.03 10.55
C VAL B 35 -5.48 -9.36 11.91
N LYS B 36 -5.16 -10.14 12.93
CA LYS B 36 -5.23 -9.71 14.31
C LYS B 36 -3.85 -9.74 14.91
N VAL B 37 -3.43 -8.63 15.50
CA VAL B 37 -2.13 -8.60 16.14
C VAL B 37 -2.21 -9.33 17.47
N SER B 38 -1.07 -9.85 17.90
CA SER B 38 -0.95 -10.57 19.16
C SER B 38 0.36 -10.16 19.82
N GLU B 39 0.63 -10.66 21.02
CA GLU B 39 1.85 -10.26 21.73
C GLU B 39 3.11 -10.72 21.02
N SER B 40 3.01 -11.76 20.18
CA SER B 40 4.17 -12.11 19.38
C SER B 40 4.58 -11.00 18.41
N ASP B 41 3.66 -10.06 18.15
CA ASP B 41 3.93 -8.95 17.24
C ASP B 41 4.36 -7.69 17.97
N ARG B 42 4.48 -7.73 19.29
CA ARG B 42 4.77 -6.55 20.08
C ARG B 42 6.20 -6.05 19.79
N LEU B 43 6.32 -4.78 19.45
CA LEU B 43 7.62 -4.17 19.23
C LEU B 43 8.12 -3.61 20.56
N ASP B 44 9.29 -4.05 21.02
CA ASP B 44 9.84 -3.51 22.25
C ASP B 44 10.55 -2.21 21.90
N THR B 45 9.94 -1.09 22.27
CA THR B 45 10.48 0.22 21.89
C THR B 45 11.59 0.65 22.82
N GLY B 46 11.66 0.04 23.99
CA GLY B 46 12.53 0.52 25.07
C GLY B 46 11.74 1.03 26.27
N ASN B 47 10.50 1.46 26.00
CA ASN B 47 9.59 1.93 27.04
C ASN B 47 8.49 0.91 27.22
N PRO B 48 8.48 0.22 28.36
CA PRO B 48 7.53 -0.89 28.56
C PRO B 48 6.06 -0.49 28.44
N SER B 49 5.71 0.77 28.66
CA SER B 49 4.30 1.14 28.58
C SER B 49 3.85 1.45 27.17
N ASP B 50 4.79 1.51 26.23
CA ASP B 50 4.41 1.70 24.83
C ASP B 50 3.67 0.48 24.33
N VAL B 51 2.74 0.71 23.40
CA VAL B 51 1.91 -0.33 22.84
C VAL B 51 1.98 -0.22 21.32
N VAL B 52 2.85 -1.04 20.73
CA VAL B 52 3.12 -1.05 19.30
C VAL B 52 3.21 -2.49 18.84
N TYR B 53 2.48 -2.81 17.78
CA TYR B 53 2.48 -4.12 17.17
C TYR B 53 2.80 -3.99 15.68
N THR B 54 3.68 -4.85 15.18
CA THR B 54 3.99 -4.91 13.76
C THR B 54 3.92 -6.38 13.32
N LYS B 55 3.13 -6.69 12.32
CA LYS B 55 2.94 -8.04 11.86
C LYS B 55 3.16 -8.08 10.34
N ASP B 56 4.33 -8.54 9.93
CA ASP B 56 4.65 -8.69 8.49
CA ASP B 56 4.62 -8.70 8.53
C ASP B 56 3.75 -9.82 7.93
N LEU B 57 3.18 -9.59 6.75
CA LEU B 57 2.22 -10.49 6.12
C LEU B 57 2.80 -11.36 5.01
N PHE B 58 4.05 -11.07 4.62
CA PHE B 58 4.74 -11.82 3.56
C PHE B 58 6.15 -12.15 4.03
N THR B 59 6.58 -13.39 3.83
CA THR B 59 7.97 -13.74 4.01
C THR B 59 8.80 -13.12 2.89
N LEU B 60 10.11 -13.11 3.06
CA LEU B 60 10.98 -12.65 1.98
C LEU B 60 10.88 -13.51 0.73
N GLU B 61 10.70 -14.81 0.89
CA GLU B 61 10.53 -15.70 -0.26
C GLU B 61 9.24 -15.35 -0.99
N GLU B 62 8.18 -15.03 -0.24
CA GLU B 62 6.90 -14.67 -0.84
C GLU B 62 6.95 -13.34 -1.58
N SER B 63 7.63 -12.36 -1.00
CA SER B 63 7.70 -11.04 -1.57
C SER B 63 9.11 -10.47 -1.33
N PRO B 64 10.01 -10.67 -2.27
CA PRO B 64 11.41 -10.32 -2.00
C PRO B 64 11.74 -8.85 -2.07
N ARG B 65 10.86 -8.03 -2.69
CA ARG B 65 11.13 -6.61 -2.87
C ARG B 65 10.21 -5.70 -2.04
N LEU B 66 8.91 -5.95 -2.05
CA LEU B 66 7.95 -5.17 -1.28
C LEU B 66 7.70 -5.85 0.04
N GLY B 67 7.86 -5.11 1.11
CA GLY B 67 7.46 -5.57 2.43
C GLY B 67 6.01 -5.11 2.67
N CYS B 68 5.22 -5.87 3.41
CA CYS B 68 3.87 -5.42 3.71
C CYS B 68 3.41 -6.06 4.98
N GLY B 69 2.84 -5.26 5.87
CA GLY B 69 2.32 -5.76 7.10
C GLY B 69 1.28 -4.84 7.71
N MET B 70 0.80 -5.28 8.88
CA MET B 70 -0.21 -4.57 9.66
C MET B 70 0.47 -4.01 10.91
N MET B 71 0.16 -2.76 11.22
CA MET B 71 0.67 -2.08 12.40
C MET B 71 -0.50 -1.56 13.22
N GLU B 72 -0.38 -1.70 14.53
CA GLU B 72 -1.31 -1.06 15.48
C GLU B 72 -0.52 -0.37 16.56
N MET B 73 -1.01 0.78 16.99
CA MET B 73 -0.44 1.53 18.09
C MET B 73 -1.55 2.07 18.97
N LYS B 74 -1.26 2.23 20.27
CA LYS B 74 -2.20 2.80 21.22
C LYS B 74 -1.44 3.68 22.20
N GLU B 75 -1.83 4.94 22.28
CA GLU B 75 -1.35 5.89 23.28
C GLU B 75 0.18 5.84 23.40
N THR B 76 0.84 5.93 22.24
CA THR B 76 2.28 5.76 22.15
C THR B 76 2.89 6.70 21.13
N THR B 77 4.03 7.28 21.47
CA THR B 77 4.90 8.00 20.51
C THR B 77 6.31 7.47 20.67
N PHE B 78 6.97 7.09 19.57
CA PHE B 78 8.35 6.62 19.68
C PHE B 78 9.16 7.10 18.50
N ASP B 79 10.46 7.19 18.73
CA ASP B 79 11.43 7.63 17.73
CA ASP B 79 11.42 7.62 17.73
C ASP B 79 11.82 6.49 16.81
N TRP B 80 11.96 6.78 15.52
CA TRP B 80 12.38 5.78 14.53
C TRP B 80 13.00 6.48 13.35
N THR B 81 14.08 5.91 12.81
CA THR B 81 14.65 6.38 11.56
C THR B 81 14.40 5.33 10.48
N LEU B 82 13.78 5.76 9.38
CA LEU B 82 13.48 4.87 8.26
C LEU B 82 14.53 5.04 7.19
N ASN B 83 15.45 4.09 7.08
CA ASN B 83 16.35 4.01 5.93
C ASN B 83 15.75 3.05 4.88
N TYR B 84 14.47 3.28 4.61
CA TYR B 84 13.64 2.55 3.65
C TYR B 84 12.46 3.48 3.35
N ASP B 85 11.80 3.25 2.23
CA ASP B 85 10.58 4.00 1.89
C ASP B 85 9.36 3.25 2.42
N GLU B 86 8.33 4.02 2.79
CA GLU B 86 7.10 3.43 3.34
C GLU B 86 5.87 4.18 2.89
N ILE B 87 4.83 3.43 2.56
CA ILE B 87 3.45 3.91 2.35
CA ILE B 87 3.49 3.96 2.42
C ILE B 87 2.57 3.28 3.41
N ASP B 88 1.78 4.10 4.11
CA ASP B 88 0.82 3.64 5.09
C ASP B 88 -0.58 3.99 4.65
N TYR B 89 -1.49 3.01 4.72
CA TYR B 89 -2.92 3.23 4.51
C TYR B 89 -3.59 3.07 5.87
N VAL B 90 -4.19 4.16 6.37
CA VAL B 90 -4.78 4.14 7.71
C VAL B 90 -6.20 3.59 7.63
N ILE B 91 -6.41 2.49 8.34
CA ILE B 91 -7.70 1.79 8.37
C ILE B 91 -8.60 2.35 9.45
N ASP B 92 -8.08 2.47 10.66
CA ASP B 92 -8.81 3.02 11.79
C ASP B 92 -7.93 3.99 12.55
N GLY B 93 -8.54 5.02 13.11
CA GLY B 93 -7.86 5.91 14.01
C GLY B 93 -7.09 7.00 13.28
N THR B 94 -6.03 7.48 13.94
CA THR B 94 -5.20 8.57 13.46
C THR B 94 -3.73 8.24 13.71
N LEU B 95 -2.95 8.35 12.64
CA LEU B 95 -1.49 8.20 12.67
C LEU B 95 -0.88 9.57 12.43
N ASP B 96 -0.02 10.03 13.35
CA ASP B 96 0.74 11.24 13.17
C ASP B 96 2.23 10.89 12.99
N ILE B 97 2.86 11.60 12.09
CA ILE B 97 4.30 11.50 11.85
C ILE B 97 4.91 12.85 12.21
N ILE B 98 5.82 12.84 13.17
CA ILE B 98 6.48 14.06 13.60
CA ILE B 98 6.48 14.06 13.59
C ILE B 98 7.86 14.09 12.98
N ILE B 99 8.15 15.14 12.24
CA ILE B 99 9.38 15.29 11.49
C ILE B 99 9.85 16.74 11.69
N ASP B 100 11.05 16.91 12.24
CA ASP B 100 11.66 18.25 12.34
C ASP B 100 10.67 19.27 12.95
N GLY B 101 9.97 18.84 13.99
CA GLY B 101 9.07 19.72 14.72
C GLY B 101 7.74 20.00 14.02
N ARG B 102 7.46 19.33 12.91
CA ARG B 102 6.24 19.45 12.14
C ARG B 102 5.47 18.14 12.19
N LYS B 103 4.19 18.21 11.91
CA LYS B 103 3.30 17.05 12.02
CA LYS B 103 3.32 17.04 11.99
C LYS B 103 2.61 16.78 10.68
N VAL B 104 2.63 15.54 10.24
CA VAL B 104 1.87 15.07 9.10
C VAL B 104 0.93 13.99 9.63
N SER B 105 -0.35 14.08 9.34
CA SER B 105 -1.36 13.20 9.95
CA SER B 105 -1.32 13.20 9.94
C SER B 105 -2.26 12.58 8.90
N ALA B 106 -2.69 11.35 9.17
CA ALA B 106 -3.69 10.66 8.34
C ALA B 106 -4.59 9.87 9.27
N SER B 107 -5.88 9.95 9.01
CA SER B 107 -6.87 9.18 9.73
CA SER B 107 -6.85 9.15 9.75
C SER B 107 -7.51 8.16 8.81
N SER B 108 -8.52 7.44 9.30
CA SER B 108 -9.19 6.42 8.52
CA SER B 108 -9.21 6.42 8.53
C SER B 108 -9.44 6.89 7.10
N GLY B 109 -9.04 6.05 6.17
CA GLY B 109 -9.27 6.29 4.75
C GLY B 109 -8.21 7.13 4.05
N GLU B 110 -7.18 7.54 4.76
CA GLU B 110 -6.14 8.41 4.27
C GLU B 110 -4.79 7.71 4.24
N LEU B 111 -3.84 8.29 3.54
CA LEU B 111 -2.55 7.71 3.26
C LEU B 111 -1.39 8.58 3.74
N ILE B 112 -0.28 7.96 4.12
CA ILE B 112 0.97 8.64 4.37
CA ILE B 112 1.00 8.66 4.35
C ILE B 112 2.08 8.00 3.52
N PHE B 113 2.94 8.82 2.96
CA PHE B 113 4.20 8.41 2.34
C PHE B 113 5.36 8.99 3.18
N ILE B 114 6.32 8.12 3.50
CA ILE B 114 7.54 8.50 4.20
C ILE B 114 8.74 8.08 3.34
N PRO B 115 9.52 9.05 2.84
CA PRO B 115 10.68 8.68 2.01
C PRO B 115 11.80 8.14 2.85
N LYS B 116 12.62 7.31 2.19
CA LYS B 116 13.85 6.81 2.79
C LYS B 116 14.68 7.99 3.31
N GLY B 117 15.25 7.76 4.48
CA GLY B 117 16.11 8.72 5.16
C GLY B 117 15.40 9.60 6.17
N SER B 118 14.12 9.39 6.38
CA SER B 118 13.36 10.19 7.32
C SER B 118 13.57 9.74 8.76
N LYS B 119 13.99 10.67 9.62
CA LYS B 119 14.07 10.48 11.07
C LYS B 119 12.83 11.12 11.67
N ILE B 120 12.00 10.30 12.29
CA ILE B 120 10.68 10.71 12.72
C ILE B 120 10.36 10.27 14.13
N GLN B 121 9.19 10.68 14.59
CA GLN B 121 8.45 9.95 15.59
C GLN B 121 7.18 9.41 14.94
N PHE B 122 6.89 8.13 15.19
CA PHE B 122 5.54 7.58 14.99
C PHE B 122 4.75 7.99 16.22
N SER B 123 3.72 8.81 16.03
CA SER B 123 2.97 9.36 17.15
C SER B 123 1.49 9.01 17.01
N VAL B 124 1.01 8.25 17.99
CA VAL B 124 -0.37 7.77 18.01
C VAL B 124 -0.87 7.99 19.45
N PRO B 125 -1.21 9.25 19.78
CA PRO B 125 -1.70 9.51 21.13
C PRO B 125 -3.01 8.82 21.43
N ASP B 126 -3.80 8.50 20.40
CA ASP B 126 -5.07 7.82 20.57
C ASP B 126 -4.87 6.34 20.16
N TYR B 127 -5.19 6.00 18.92
CA TYR B 127 -5.13 4.65 18.43
CA TYR B 127 -4.97 4.65 18.42
C TYR B 127 -4.96 4.72 16.91
N ALA B 128 -4.33 3.71 16.32
CA ALA B 128 -4.28 3.58 14.86
C ALA B 128 -4.07 2.13 14.49
N ARG B 129 -4.70 1.73 13.38
CA ARG B 129 -4.48 0.47 12.71
C ARG B 129 -4.22 0.82 11.25
N PHE B 130 -3.09 0.36 10.70
CA PHE B 130 -2.73 0.72 9.34
C PHE B 130 -1.91 -0.38 8.69
N ILE B 131 -2.05 -0.49 7.37
CA ILE B 131 -1.15 -1.28 6.53
CA ILE B 131 -1.10 -1.30 6.61
C ILE B 131 0.08 -0.43 6.22
N TYR B 132 1.25 -1.05 6.24
CA TYR B 132 2.45 -0.47 5.71
C TYR B 132 2.96 -1.31 4.52
N VAL B 133 3.56 -0.61 3.56
CA VAL B 133 4.25 -1.20 2.43
C VAL B 133 5.64 -0.56 2.38
N THR B 134 6.69 -1.36 2.30
CA THR B 134 8.05 -0.85 2.35
C THR B 134 8.87 -1.33 1.16
N TYR B 135 9.92 -0.56 0.87
CA TYR B 135 11.03 -1.02 0.06
C TYR B 135 12.33 -0.55 0.69
N PRO B 136 13.31 -1.42 0.91
CA PRO B 136 13.29 -2.86 0.72
C PRO B 136 12.28 -3.57 1.61
N ALA B 137 12.10 -4.85 1.34
CA ALA B 137 11.08 -5.65 1.99
C ALA B 137 11.37 -5.86 3.45
N ASP B 138 12.60 -6.25 3.76
CA ASP B 138 12.95 -6.55 5.16
C ASP B 138 13.36 -5.26 5.88
N TRP B 139 12.37 -4.41 6.08
CA TRP B 139 12.61 -3.10 6.65
C TRP B 139 13.27 -3.17 8.02
N ALA B 140 12.96 -4.20 8.80
CA ALA B 140 13.45 -4.26 10.16
C ALA B 140 14.93 -4.66 10.22
N SER B 141 15.52 -5.06 9.08
CA SER B 141 16.94 -5.37 8.99
C SER B 141 17.73 -4.24 8.30
N GLN B 142 17.11 -3.09 8.06
CA GLN B 142 17.79 -1.93 7.45
C GLN B 142 18.58 -1.19 8.52
N ASN B 143 19.65 -1.84 8.98
CA ASN B 143 20.48 -1.35 10.06
C ASN B 143 21.86 -2.01 9.96
N LEU B 144 22.79 -1.55 10.76
CA LEU B 144 24.18 -2.02 10.68
C LEU B 144 24.35 -3.48 11.07
N GLU B 145 23.36 -4.03 11.77
CA GLU B 145 23.41 -5.42 12.23
C GLU B 145 22.84 -6.39 11.18
N HIS B 146 22.07 -5.88 10.23
CA HIS B 146 21.39 -6.69 9.20
C HIS B 146 20.40 -7.68 9.81
N HIS B 147 19.82 -7.35 10.96
CA HIS B 147 18.87 -8.23 11.61
C HIS B 147 17.86 -7.43 12.41
N HIS B 148 16.75 -8.07 12.75
CA HIS B 148 15.64 -7.42 13.43
C HIS B 148 15.97 -6.98 14.84
N HIS B 149 16.87 -7.71 15.48
CA HIS B 149 17.29 -7.35 16.82
C HIS B 149 18.80 -7.37 16.87
N HIS B 150 19.38 -6.49 17.68
CA HIS B 150 20.81 -6.51 17.89
C HIS B 150 21.21 -7.84 18.53
N HIS B 151 22.30 -8.46 18.06
CA HIS B 151 22.81 -9.67 18.70
C HIS B 151 23.39 -9.36 20.06
MG MG C . 14.52 21.83 9.12
#